data_4G75
#
_entry.id   4G75
#
_cell.length_a   42.920
_cell.length_b   71.500
_cell.length_c   99.940
_cell.angle_alpha   90.00
_cell.angle_beta   90.00
_cell.angle_gamma   90.00
#
_symmetry.space_group_name_H-M   'P 21 21 21'
#
loop_
_entity.id
_entity.type
_entity.pdbx_description
1 polymer phosphodiesterase
2 non-polymer 'MAGNESIUM ION'
3 non-polymer 1,2-ETHANEDIOL
4 water water
#
_entity_poly.entity_id   1
_entity_poly.type   'polypeptide(L)'
_entity_poly.pdbx_seq_one_letter_code
;(MSE)V(MSE)DLGTTTIVAGQGDFSAYNYGNNGANWPAPSPAQVGYISKGQRDVAYVNGDWEKPLLALWAQWANWGTTL
YGYPSLPFPNYEFIWDIFDLPQADYNQFSLGDDRITA(MSE)NRAQNHQYPFPNNEGIPSWDRPKIDTFNGGVYTPAAAF
AHYLTGKGKK(MSE)NFPIERLNIKPNVKA(MSE)PQFIGVLTSSP(MSE)GQTTVDFNVPYATAKDSWVAGNTVGEITL
RIVGILVKSTSGQWSFRGEIRAYDDLYDFNPSNHRTETAEG(MSE)TRLGREVGQKFKDTTPYPIGIPGAIPVNISGRSH
HHHHH
;
_entity_poly.pdbx_strand_id   A
#
loop_
_chem_comp.id
_chem_comp.type
_chem_comp.name
_chem_comp.formula
EDO non-polymer 1,2-ETHANEDIOL 'C2 H6 O2'
MG non-polymer 'MAGNESIUM ION' 'Mg 2'
#
# COMPACT_ATOMS: atom_id res chain seq x y z
N VAL A 2 11.40 -8.96 7.17
CA VAL A 2 11.96 -8.77 5.84
C VAL A 2 11.51 -7.42 5.28
N MSE A 3 12.38 -6.79 4.50
CA MSE A 3 12.05 -5.51 3.90
C MSE A 3 11.92 -5.62 2.39
O MSE A 3 12.66 -4.97 1.65
CB MSE A 3 13.08 -4.45 4.31
CG MSE A 3 13.07 -4.14 5.81
SE MSE A 3 11.62 -2.97 6.33
CE MSE A 3 12.27 -1.33 5.49
N ASP A 4 10.99 -6.45 1.92
CA ASP A 4 10.62 -6.46 0.53
C ASP A 4 9.63 -5.32 0.32
N LEU A 5 10.12 -4.16 -0.07
CA LEU A 5 9.24 -3.01 -0.23
C LEU A 5 8.88 -2.75 -1.70
N GLY A 6 8.82 -3.83 -2.47
CA GLY A 6 8.33 -3.78 -3.83
C GLY A 6 9.17 -3.01 -4.84
N THR A 7 10.48 -2.97 -4.63
CA THR A 7 11.36 -2.27 -5.55
C THR A 7 11.86 -3.19 -6.66
N THR A 8 11.94 -4.48 -6.37
CA THR A 8 12.46 -5.45 -7.34
C THR A 8 11.34 -6.14 -8.10
N THR A 9 11.61 -6.48 -9.36
CA THR A 9 10.65 -7.24 -10.16
C THR A 9 11.03 -8.71 -10.11
N ILE A 10 10.05 -9.59 -9.90
CA ILE A 10 10.33 -11.02 -9.90
C ILE A 10 9.75 -11.70 -11.13
N VAL A 11 10.24 -12.91 -11.40
CA VAL A 11 9.76 -13.71 -12.51
C VAL A 11 8.72 -14.71 -12.01
N ALA A 12 7.50 -14.62 -12.54
CA ALA A 12 6.45 -15.51 -12.06
C ALA A 12 5.52 -15.96 -13.19
N GLY A 13 4.94 -17.14 -13.00
CA GLY A 13 3.99 -17.69 -13.94
C GLY A 13 2.81 -18.32 -13.22
N GLN A 14 1.76 -18.65 -13.97
CA GLN A 14 0.55 -19.22 -13.39
C GLN A 14 0.86 -20.42 -12.49
N GLY A 15 1.80 -21.24 -12.92
CA GLY A 15 2.16 -22.46 -12.23
C GLY A 15 2.82 -22.24 -10.88
N ASP A 16 3.18 -21.01 -10.57
CA ASP A 16 3.72 -20.70 -9.25
C ASP A 16 2.65 -20.67 -8.17
N PHE A 17 1.39 -20.62 -8.59
CA PHE A 17 0.30 -20.38 -7.65
C PHE A 17 -0.60 -21.58 -7.41
N SER A 18 -0.67 -21.97 -6.15
CA SER A 18 -1.35 -23.19 -5.75
CA SER A 18 -1.35 -23.21 -5.76
C SER A 18 -2.81 -23.23 -6.20
N ALA A 19 -3.47 -22.08 -6.19
CA ALA A 19 -4.88 -22.05 -6.58
C ALA A 19 -5.05 -22.38 -8.05
N TYR A 20 -4.19 -21.82 -8.89
CA TYR A 20 -4.19 -22.12 -10.30
C TYR A 20 -3.92 -23.60 -10.51
N ASN A 21 -2.92 -24.14 -9.82
CA ASN A 21 -2.60 -25.56 -9.93
C ASN A 21 -3.77 -26.46 -9.53
N TYR A 22 -4.54 -26.02 -8.54
CA TYR A 22 -5.72 -26.76 -8.11
C TYR A 22 -6.77 -26.77 -9.23
N GLY A 23 -6.94 -25.61 -9.86
CA GLY A 23 -7.83 -25.49 -11.00
C GLY A 23 -7.38 -26.31 -12.19
N ASN A 24 -6.07 -26.40 -12.39
CA ASN A 24 -5.51 -27.04 -13.58
C ASN A 24 -5.26 -28.55 -13.43
N ASN A 25 -5.53 -29.07 -12.24
CA ASN A 25 -5.42 -30.50 -11.99
C ASN A 25 -6.75 -31.19 -12.30
N GLY A 26 -6.84 -31.79 -13.48
CA GLY A 26 -8.08 -32.38 -13.96
C GLY A 26 -8.65 -33.42 -13.02
N ALA A 27 -7.79 -34.06 -12.23
CA ALA A 27 -8.23 -35.08 -11.29
C ALA A 27 -9.20 -34.51 -10.27
N ASN A 28 -9.16 -33.20 -10.08
CA ASN A 28 -10.04 -32.52 -9.12
C ASN A 28 -11.44 -32.25 -9.66
N TRP A 29 -11.60 -32.38 -10.97
CA TRP A 29 -12.80 -31.86 -11.63
C TRP A 29 -13.53 -32.86 -12.51
N PRO A 30 -14.54 -33.54 -11.95
CA PRO A 30 -15.33 -34.54 -12.67
C PRO A 30 -16.04 -33.97 -13.90
N ALA A 31 -16.34 -32.67 -13.88
CA ALA A 31 -17.10 -32.06 -14.96
C ALA A 31 -16.69 -30.61 -15.19
N PRO A 32 -17.07 -30.04 -16.34
CA PRO A 32 -16.80 -28.61 -16.54
C PRO A 32 -17.45 -27.81 -15.44
N SER A 33 -16.78 -26.77 -14.97
CA SER A 33 -17.25 -26.07 -13.79
C SER A 33 -16.84 -24.60 -13.81
N PRO A 34 -17.77 -23.71 -13.46
CA PRO A 34 -17.42 -22.28 -13.37
C PRO A 34 -16.51 -22.06 -12.17
N ALA A 35 -16.60 -22.94 -11.17
CA ALA A 35 -15.69 -22.89 -10.02
C ALA A 35 -14.26 -23.24 -10.43
N GLN A 36 -14.12 -24.23 -11.32
CA GLN A 36 -12.81 -24.58 -11.83
C GLN A 36 -12.22 -23.40 -12.59
N VAL A 37 -13.06 -22.73 -13.36
CA VAL A 37 -12.61 -21.59 -14.14
C VAL A 37 -12.14 -20.50 -13.19
N GLY A 38 -12.86 -20.34 -12.09
CA GLY A 38 -12.49 -19.36 -11.07
C GLY A 38 -11.10 -19.63 -10.50
N TYR A 39 -10.83 -20.89 -10.17
CA TYR A 39 -9.50 -21.25 -9.69
C TYR A 39 -8.42 -20.94 -10.71
N ILE A 40 -8.65 -21.31 -11.97
CA ILE A 40 -7.69 -21.03 -13.02
C ILE A 40 -7.44 -19.54 -13.12
N SER A 41 -8.50 -18.75 -13.02
CA SER A 41 -8.38 -17.32 -13.23
C SER A 41 -7.45 -16.64 -12.19
N LYS A 42 -7.33 -17.22 -11.01
CA LYS A 42 -6.46 -16.66 -9.97
C LYS A 42 -5.00 -16.62 -10.40
N GLY A 43 -4.59 -17.58 -11.23
CA GLY A 43 -3.20 -17.68 -11.65
C GLY A 43 -2.68 -16.44 -12.35
N GLN A 44 -3.36 -16.00 -13.40
CA GLN A 44 -2.87 -14.83 -14.14
C GLN A 44 -3.00 -13.54 -13.32
N ARG A 45 -4.05 -13.44 -12.51
CA ARG A 45 -4.15 -12.27 -11.64
C ARG A 45 -2.99 -12.25 -10.64
N ASP A 46 -2.68 -13.41 -10.06
CA ASP A 46 -1.59 -13.49 -9.11
C ASP A 46 -0.25 -13.10 -9.73
N VAL A 47 -0.05 -13.47 -11.00
CA VAL A 47 1.16 -13.10 -11.71
C VAL A 47 1.31 -11.59 -11.72
N ALA A 48 0.20 -10.90 -11.97
CA ALA A 48 0.20 -9.44 -11.94
C ALA A 48 0.46 -8.94 -10.53
N TYR A 49 -0.25 -9.50 -9.55
CA TYR A 49 -0.15 -9.03 -8.17
C TYR A 49 1.27 -9.09 -7.61
N VAL A 50 2.00 -10.17 -7.89
CA VAL A 50 3.33 -10.32 -7.30
C VAL A 50 4.32 -9.26 -7.79
N ASN A 51 3.97 -8.53 -8.85
CA ASN A 51 4.79 -7.38 -9.26
C ASN A 51 4.06 -6.04 -9.09
N GLY A 52 3.01 -6.04 -8.29
CA GLY A 52 2.31 -4.82 -7.93
C GLY A 52 1.37 -4.27 -8.99
N ASP A 53 1.14 -5.05 -10.03
CA ASP A 53 0.25 -4.64 -11.13
C ASP A 53 -1.19 -4.94 -10.71
N TRP A 54 -1.71 -4.20 -9.74
CA TRP A 54 -2.92 -4.62 -9.03
C TRP A 54 -4.22 -3.98 -9.54
N GLU A 55 -4.10 -2.81 -10.15
CA GLU A 55 -5.26 -2.09 -10.65
C GLU A 55 -5.95 -2.83 -11.78
N LYS A 56 -5.16 -3.28 -12.76
CA LYS A 56 -5.73 -3.90 -13.94
C LYS A 56 -6.54 -5.18 -13.67
N PRO A 57 -5.99 -6.11 -12.87
CA PRO A 57 -6.79 -7.32 -12.61
C PRO A 57 -8.12 -7.00 -11.92
N LEU A 58 -8.11 -6.08 -10.95
CA LEU A 58 -9.34 -5.74 -10.25
C LEU A 58 -10.31 -4.98 -11.16
N LEU A 59 -9.77 -4.08 -11.97
CA LEU A 59 -10.61 -3.31 -12.88
C LEU A 59 -11.27 -4.21 -13.91
N ALA A 60 -10.55 -5.22 -14.38
CA ALA A 60 -11.12 -6.11 -15.38
C ALA A 60 -12.30 -6.87 -14.78
N LEU A 61 -12.16 -7.31 -13.54
CA LEU A 61 -13.25 -8.01 -12.86
C LEU A 61 -14.44 -7.07 -12.68
N TRP A 62 -14.19 -5.88 -12.15
CA TRP A 62 -15.25 -4.93 -11.89
C TRP A 62 -15.96 -4.51 -13.17
N ALA A 63 -15.19 -4.21 -14.21
CA ALA A 63 -15.76 -3.77 -15.46
C ALA A 63 -16.75 -4.81 -15.97
N GLN A 64 -16.46 -6.09 -15.74
CA GLN A 64 -17.39 -7.15 -16.12
CA GLN A 64 -17.40 -7.13 -16.14
C GLN A 64 -18.61 -7.12 -15.22
N TRP A 65 -18.36 -7.18 -13.91
CA TRP A 65 -19.42 -7.16 -12.91
C TRP A 65 -20.40 -6.02 -13.17
N ALA A 66 -19.87 -4.82 -13.36
CA ALA A 66 -20.70 -3.62 -13.48
C ALA A 66 -21.07 -3.28 -14.92
N ASN A 67 -20.70 -4.14 -15.85
CA ASN A 67 -21.04 -3.94 -17.26
C ASN A 67 -20.59 -2.59 -17.80
N TRP A 68 -19.31 -2.29 -17.61
CA TRP A 68 -18.77 -1.05 -18.14
C TRP A 68 -18.64 -1.15 -19.64
N GLY A 69 -18.46 -2.37 -20.14
CA GLY A 69 -18.22 -2.59 -21.56
C GLY A 69 -16.89 -2.04 -22.00
N THR A 70 -15.96 -1.90 -21.07
CA THR A 70 -14.63 -1.36 -21.37
C THR A 70 -13.58 -2.46 -21.42
N THR A 71 -12.32 -2.08 -21.55
CA THR A 71 -11.23 -3.04 -21.71
C THR A 71 -11.10 -3.97 -20.51
N LEU A 72 -10.78 -5.23 -20.77
CA LEU A 72 -10.53 -6.18 -19.69
C LEU A 72 -9.03 -6.40 -19.48
N TYR A 73 -8.22 -5.54 -20.09
CA TYR A 73 -6.77 -5.61 -19.91
C TYR A 73 -6.18 -6.99 -20.22
N GLY A 74 -6.81 -7.70 -21.16
CA GLY A 74 -6.31 -8.99 -21.59
C GLY A 74 -6.77 -10.16 -20.75
N TYR A 75 -7.49 -9.89 -19.67
CA TYR A 75 -8.03 -10.97 -18.85
C TYR A 75 -9.26 -11.60 -19.49
N PRO A 76 -9.41 -12.92 -19.32
CA PRO A 76 -10.59 -13.64 -19.83
C PRO A 76 -11.85 -13.24 -19.10
N SER A 77 -12.96 -13.11 -19.84
CA SER A 77 -14.25 -12.92 -19.19
C SER A 77 -14.61 -14.17 -18.40
N LEU A 78 -15.20 -13.96 -17.22
CA LEU A 78 -15.47 -15.04 -16.28
C LEU A 78 -16.95 -15.28 -16.06
N PRO A 79 -17.30 -16.50 -15.64
CA PRO A 79 -18.67 -16.80 -15.24
C PRO A 79 -19.09 -15.88 -14.09
N PHE A 80 -18.29 -15.84 -13.03
CA PHE A 80 -18.60 -15.00 -11.87
C PHE A 80 -17.43 -14.06 -11.53
N PRO A 81 -17.28 -12.97 -12.30
CA PRO A 81 -16.24 -11.97 -12.04
C PRO A 81 -16.50 -11.30 -10.68
N ASN A 82 -17.77 -11.24 -10.29
CA ASN A 82 -18.13 -10.79 -8.96
C ASN A 82 -17.50 -11.62 -7.85
N TYR A 83 -17.59 -12.94 -7.96
CA TYR A 83 -17.03 -13.80 -6.92
C TYR A 83 -15.51 -13.65 -6.85
N GLU A 84 -14.89 -13.50 -8.00
CA GLU A 84 -13.43 -13.38 -8.03
C GLU A 84 -12.95 -12.04 -7.48
N PHE A 85 -13.71 -10.98 -7.75
CA PHE A 85 -13.36 -9.67 -7.21
C PHE A 85 -13.45 -9.74 -5.68
N ILE A 86 -14.54 -10.31 -5.20
CA ILE A 86 -14.75 -10.42 -3.75
C ILE A 86 -13.66 -11.23 -3.07
N TRP A 87 -13.33 -12.40 -3.61
CA TRP A 87 -12.28 -13.22 -3.03
C TRP A 87 -10.88 -12.60 -3.10
N ASP A 88 -10.58 -11.86 -4.17
CA ASP A 88 -9.31 -11.15 -4.25
C ASP A 88 -9.24 -10.07 -3.18
N ILE A 89 -10.36 -9.39 -2.94
CA ILE A 89 -10.41 -8.38 -1.89
C ILE A 89 -10.16 -9.02 -0.53
N PHE A 90 -10.60 -10.27 -0.37
CA PHE A 90 -10.31 -11.02 0.85
C PHE A 90 -8.84 -11.43 0.92
N ASP A 91 -8.29 -11.93 -0.18
CA ASP A 91 -6.97 -12.54 -0.20
C ASP A 91 -5.83 -11.54 -0.15
N LEU A 92 -5.97 -10.43 -0.88
CA LEU A 92 -4.89 -9.46 -0.99
C LEU A 92 -4.37 -8.91 0.35
N PRO A 93 -5.26 -8.52 1.27
CA PRO A 93 -4.72 -8.03 2.54
C PRO A 93 -4.01 -9.11 3.34
N GLN A 94 -4.44 -10.36 3.18
CA GLN A 94 -3.79 -11.46 3.89
C GLN A 94 -2.40 -11.72 3.32
N ALA A 95 -2.26 -11.63 2.01
CA ALA A 95 -0.96 -11.77 1.36
C ALA A 95 0.00 -10.69 1.85
N ASP A 96 -0.49 -9.47 1.92
CA ASP A 96 0.35 -8.38 2.40
C ASP A 96 0.81 -8.65 3.83
N TYR A 97 -0.13 -9.09 4.66
CA TYR A 97 0.16 -9.32 6.06
C TYR A 97 1.10 -10.52 6.24
N ASN A 98 1.02 -11.49 5.33
CA ASN A 98 1.97 -12.61 5.38
C ASN A 98 3.40 -12.12 5.16
N GLN A 99 3.56 -11.16 4.27
CA GLN A 99 4.88 -10.57 4.07
C GLN A 99 5.37 -9.85 5.31
N PHE A 100 4.51 -9.06 5.93
CA PHE A 100 4.94 -8.27 7.09
C PHE A 100 5.18 -9.11 8.32
N SER A 101 4.23 -9.99 8.64
CA SER A 101 4.26 -10.75 9.88
CA SER A 101 4.26 -10.75 9.88
C SER A 101 5.19 -11.96 9.82
N LEU A 102 5.20 -12.63 8.67
CA LEU A 102 5.96 -13.87 8.54
C LEU A 102 7.24 -13.73 7.72
N GLY A 103 7.41 -12.60 7.04
CA GLY A 103 8.53 -12.43 6.14
C GLY A 103 8.47 -13.33 4.91
N ASP A 104 7.27 -13.74 4.54
CA ASP A 104 7.08 -14.53 3.33
C ASP A 104 7.55 -13.78 2.09
N ASP A 105 8.17 -14.49 1.16
CA ASP A 105 8.41 -13.95 -0.18
C ASP A 105 7.04 -13.80 -0.84
N ARG A 106 6.99 -13.13 -1.98
CA ARG A 106 5.71 -12.74 -2.57
C ARG A 106 4.85 -13.95 -2.91
N ILE A 107 5.45 -14.91 -3.60
CA ILE A 107 4.70 -16.07 -4.04
C ILE A 107 4.20 -16.89 -2.85
N THR A 108 5.09 -17.14 -1.89
CA THR A 108 4.68 -17.87 -0.70
C THR A 108 3.56 -17.15 0.04
N ALA A 109 3.68 -15.83 0.14
CA ALA A 109 2.69 -15.03 0.84
C ALA A 109 1.31 -15.21 0.20
N MSE A 110 1.26 -15.20 -1.13
CA MSE A 110 -0.02 -15.35 -1.83
C MSE A 110 -0.55 -16.77 -1.72
O MSE A 110 -1.74 -16.98 -1.50
CB MSE A 110 0.09 -14.95 -3.29
CG MSE A 110 -1.20 -15.12 -4.06
SE MSE A 110 -2.62 -13.95 -3.39
CE MSE A 110 -2.05 -12.35 -4.38
N ASN A 111 0.31 -17.77 -1.87
CA ASN A 111 -0.15 -19.15 -1.74
C ASN A 111 -0.67 -19.46 -0.35
N ARG A 112 -0.02 -18.91 0.67
CA ARG A 112 -0.48 -19.07 2.03
C ARG A 112 -1.85 -18.43 2.20
N ALA A 113 -1.99 -17.22 1.67
CA ALA A 113 -3.26 -16.50 1.73
C ALA A 113 -4.38 -17.24 1.00
N GLN A 114 -4.04 -17.99 -0.03
CA GLN A 114 -5.07 -18.63 -0.85
C GLN A 114 -5.27 -20.10 -0.48
N ASN A 115 -4.64 -20.53 0.61
CA ASN A 115 -4.79 -21.90 1.07
C ASN A 115 -6.07 -22.06 1.89
N HIS A 116 -7.20 -21.90 1.24
CA HIS A 116 -8.50 -22.06 1.89
C HIS A 116 -9.57 -22.45 0.88
N GLN A 117 -10.75 -22.81 1.39
CA GLN A 117 -11.89 -23.12 0.53
C GLN A 117 -12.42 -21.87 -0.16
N TYR A 118 -13.00 -22.03 -1.35
CA TYR A 118 -13.61 -20.91 -2.06
C TYR A 118 -15.09 -21.11 -2.37
N PRO A 119 -15.90 -21.25 -1.32
CA PRO A 119 -17.35 -21.32 -1.53
C PRO A 119 -17.79 -20.04 -2.22
N PHE A 120 -18.94 -20.04 -2.87
CA PHE A 120 -19.44 -18.81 -3.45
C PHE A 120 -19.72 -17.81 -2.34
N PRO A 121 -19.25 -16.57 -2.50
CA PRO A 121 -19.56 -15.51 -1.54
C PRO A 121 -21.06 -15.31 -1.45
N ASN A 122 -21.57 -15.03 -0.28
CA ASN A 122 -23.00 -14.85 -0.12
C ASN A 122 -23.31 -13.64 0.73
N ASN A 123 -24.59 -13.42 1.00
CA ASN A 123 -25.00 -12.31 1.85
C ASN A 123 -25.33 -12.83 3.26
N GLU A 124 -24.61 -13.87 3.67
CA GLU A 124 -24.79 -14.46 4.98
C GLU A 124 -23.47 -14.79 5.68
N GLY A 125 -22.44 -13.99 5.45
CA GLY A 125 -21.20 -14.15 6.18
C GLY A 125 -20.05 -14.84 5.48
N ILE A 126 -20.16 -15.00 4.16
CA ILE A 126 -19.05 -15.54 3.37
C ILE A 126 -18.63 -14.50 2.32
N PRO A 127 -17.36 -14.06 2.37
CA PRO A 127 -16.32 -14.47 3.32
C PRO A 127 -16.48 -13.77 4.68
N SER A 128 -15.73 -14.25 5.67
CA SER A 128 -15.72 -13.65 7.00
C SER A 128 -14.66 -12.54 7.05
N TRP A 129 -15.12 -11.29 7.02
CA TRP A 129 -14.23 -10.14 6.90
C TRP A 129 -13.50 -9.74 8.19
N ASP A 130 -14.01 -10.19 9.33
CA ASP A 130 -13.44 -9.80 10.62
C ASP A 130 -12.08 -10.45 10.86
N ARG A 131 -11.02 -9.65 10.70
CA ARG A 131 -9.66 -10.15 10.86
C ARG A 131 -8.80 -9.10 11.57
N PRO A 132 -9.02 -8.91 12.89
CA PRO A 132 -8.42 -7.81 13.63
C PRO A 132 -6.90 -7.91 13.71
N LYS A 133 -6.34 -9.11 13.55
CA LYS A 133 -4.90 -9.30 13.62
C LYS A 133 -4.18 -8.60 12.46
N ILE A 134 -4.85 -8.44 11.33
CA ILE A 134 -4.25 -7.74 10.20
C ILE A 134 -4.31 -6.23 10.45
N ASP A 135 -3.23 -5.67 10.98
CA ASP A 135 -3.26 -4.29 11.48
C ASP A 135 -2.09 -3.42 11.02
N THR A 136 -1.21 -3.99 10.20
CA THR A 136 0.01 -3.30 9.80
C THR A 136 0.36 -3.70 8.37
N PHE A 137 0.72 -2.71 7.56
CA PHE A 137 1.09 -2.97 6.16
C PHE A 137 2.54 -3.38 6.01
N ASN A 138 2.83 -4.19 4.99
CA ASN A 138 4.21 -4.54 4.64
C ASN A 138 5.01 -3.42 3.98
N GLY A 139 4.34 -2.61 3.18
CA GLY A 139 5.01 -1.58 2.39
C GLY A 139 5.58 -2.12 1.08
N GLY A 140 5.00 -3.21 0.59
CA GLY A 140 5.45 -3.83 -0.65
C GLY A 140 4.39 -3.92 -1.74
N VAL A 141 4.53 -4.89 -2.64
CA VAL A 141 3.70 -4.96 -3.84
C VAL A 141 2.22 -5.16 -3.55
N TYR A 142 1.89 -5.70 -2.37
CA TYR A 142 0.48 -5.96 -2.04
C TYR A 142 -0.14 -4.84 -1.24
N THR A 143 0.65 -3.84 -0.85
CA THR A 143 0.17 -2.86 0.13
C THR A 143 -0.91 -1.92 -0.40
N PRO A 144 -0.72 -1.37 -1.61
CA PRO A 144 -1.81 -0.54 -2.12
C PRO A 144 -3.12 -1.31 -2.26
N ALA A 145 -3.04 -2.54 -2.74
CA ALA A 145 -4.26 -3.35 -2.87
C ALA A 145 -4.85 -3.68 -1.50
N ALA A 146 -3.99 -3.98 -0.54
CA ALA A 146 -4.44 -4.28 0.81
C ALA A 146 -5.14 -3.07 1.43
N ALA A 147 -4.59 -1.88 1.16
CA ALA A 147 -5.16 -0.65 1.68
C ALA A 147 -6.55 -0.40 1.09
N PHE A 148 -6.68 -0.70 -0.21
CA PHE A 148 -7.98 -0.57 -0.88
C PHE A 148 -8.97 -1.59 -0.31
N ALA A 149 -8.50 -2.81 -0.10
CA ALA A 149 -9.36 -3.84 0.45
C ALA A 149 -9.86 -3.42 1.83
N HIS A 150 -8.99 -2.80 2.63
CA HIS A 150 -9.39 -2.36 3.96
C HIS A 150 -10.40 -1.22 3.92
N TYR A 151 -10.32 -0.41 2.88
CA TYR A 151 -11.30 0.65 2.64
C TYR A 151 -12.68 0.03 2.41
N LEU A 152 -12.72 -1.06 1.65
CA LEU A 152 -13.98 -1.72 1.31
C LEU A 152 -14.60 -2.51 2.46
N THR A 153 -13.76 -3.10 3.31
CA THR A 153 -14.24 -4.09 4.26
C THR A 153 -13.75 -3.95 5.70
N GLY A 154 -12.82 -3.03 5.95
CA GLY A 154 -12.22 -2.89 7.27
C GLY A 154 -13.09 -2.15 8.29
N LYS A 155 -14.18 -1.54 7.81
CA LYS A 155 -15.13 -0.87 8.69
C LYS A 155 -14.48 0.17 9.61
N GLY A 156 -13.55 0.94 9.06
CA GLY A 156 -13.03 2.10 9.75
C GLY A 156 -11.84 1.84 10.65
N LYS A 157 -11.45 0.57 10.80
CA LYS A 157 -10.36 0.23 11.70
C LYS A 157 -9.03 0.81 11.24
N LYS A 158 -8.25 1.30 12.20
CA LYS A 158 -6.96 1.90 11.91
C LYS A 158 -5.97 0.86 11.41
N MSE A 159 -5.14 1.25 10.44
CA MSE A 159 -4.03 0.44 9.97
C MSE A 159 -2.74 1.19 10.24
O MSE A 159 -2.73 2.42 10.23
CB MSE A 159 -4.15 0.14 8.48
CG MSE A 159 -5.35 -0.73 8.12
SE MSE A 159 -5.14 -2.59 8.73
CE MSE A 159 -3.72 -3.16 7.52
N ASN A 160 -1.67 0.47 10.49
CA ASN A 160 -0.36 1.08 10.67
C ASN A 160 0.55 0.85 9.45
N PHE A 161 1.18 1.92 8.98
CA PHE A 161 2.22 1.85 7.94
C PHE A 161 3.50 2.34 8.61
N PRO A 162 4.30 1.41 9.16
CA PRO A 162 5.51 1.85 9.87
C PRO A 162 6.35 2.78 9.00
N ILE A 163 6.86 3.86 9.60
CA ILE A 163 7.49 4.91 8.81
C ILE A 163 8.68 4.41 7.98
N GLU A 164 9.46 3.48 8.53
CA GLU A 164 10.62 2.95 7.83
C GLU A 164 10.23 2.09 6.63
N ARG A 165 8.98 1.63 6.59
CA ARG A 165 8.54 0.80 5.47
C ARG A 165 7.97 1.64 4.32
N LEU A 166 7.82 2.93 4.53
CA LEU A 166 7.44 3.83 3.45
C LEU A 166 8.51 3.86 2.36
N ASN A 167 9.74 3.57 2.74
CA ASN A 167 10.87 3.70 1.83
C ASN A 167 11.06 5.13 1.33
N ILE A 168 10.87 6.09 2.22
CA ILE A 168 11.12 7.48 1.86
C ILE A 168 12.54 7.88 2.29
N LYS A 169 13.06 8.92 1.65
CA LYS A 169 14.42 9.39 1.89
C LYS A 169 14.44 10.91 2.00
N PRO A 170 13.78 11.46 3.02
CA PRO A 170 13.67 12.92 3.10
C PRO A 170 15.05 13.58 3.25
N ASN A 171 15.22 14.67 2.52
CA ASN A 171 16.46 15.44 2.56
C ASN A 171 16.22 16.69 3.39
N VAL A 172 16.55 16.63 4.68
CA VAL A 172 16.24 17.72 5.59
C VAL A 172 16.94 19.02 5.19
N LYS A 173 18.19 18.90 4.77
CA LYS A 173 18.94 20.08 4.36
C LYS A 173 18.30 20.82 3.20
N ALA A 174 17.48 20.13 2.40
CA ALA A 174 16.87 20.74 1.23
C ALA A 174 15.48 21.31 1.53
N MSE A 175 14.96 21.06 2.71
CA MSE A 175 13.66 21.57 3.09
C MSE A 175 13.74 23.06 3.36
O MSE A 175 14.53 23.50 4.19
CB MSE A 175 13.14 20.87 4.34
CG MSE A 175 12.88 19.40 4.17
SE MSE A 175 12.35 18.60 5.87
CE MSE A 175 12.14 16.76 5.27
N PRO A 176 12.92 23.87 2.66
CA PRO A 176 12.91 25.30 2.92
C PRO A 176 12.64 25.65 4.39
N GLN A 177 11.81 24.85 5.08
CA GLN A 177 11.54 25.15 6.48
C GLN A 177 12.80 24.96 7.32
N PHE A 178 13.55 23.91 7.01
CA PHE A 178 14.81 23.70 7.72
C PHE A 178 15.83 24.78 7.39
N ILE A 179 15.98 25.11 6.10
CA ILE A 179 16.90 26.18 5.72
C ILE A 179 16.52 27.47 6.46
N GLY A 180 15.24 27.75 6.55
CA GLY A 180 14.76 28.91 7.28
C GLY A 180 15.13 28.86 8.75
N VAL A 181 14.92 27.71 9.37
CA VAL A 181 15.25 27.54 10.78
C VAL A 181 16.76 27.68 10.99
N LEU A 182 17.54 27.14 10.07
CA LEU A 182 18.98 27.17 10.17
C LEU A 182 19.51 28.60 10.15
N THR A 183 18.88 29.45 9.36
CA THR A 183 19.30 30.85 9.23
C THR A 183 18.73 31.74 10.33
N SER A 184 17.52 31.42 10.79
CA SER A 184 16.80 32.29 11.70
C SER A 184 17.01 31.94 13.17
N SER A 185 17.66 30.80 13.43
CA SER A 185 17.88 30.39 14.81
C SER A 185 19.05 31.13 15.45
N PRO A 186 18.98 31.31 16.78
CA PRO A 186 20.04 31.98 17.55
C PRO A 186 21.30 31.16 17.58
N MSE A 187 22.40 31.76 18.01
CA MSE A 187 23.64 31.05 18.26
C MSE A 187 23.38 30.07 19.40
O MSE A 187 22.46 30.29 20.20
CB MSE A 187 24.73 32.04 18.65
CG MSE A 187 26.15 31.63 18.29
SE MSE A 187 26.46 31.54 16.35
CE MSE A 187 25.11 32.81 15.76
N GLY A 188 24.14 28.99 19.47
CA GLY A 188 23.96 28.01 20.52
C GLY A 188 22.93 26.95 20.21
N GLN A 189 22.34 26.38 21.25
CA GLN A 189 21.42 25.26 21.13
C GLN A 189 19.96 25.70 21.07
N THR A 190 19.24 25.19 20.07
CA THR A 190 17.83 25.54 19.83
CA THR A 190 17.82 25.52 19.93
C THR A 190 16.99 24.28 19.67
N THR A 191 15.77 24.30 20.16
CA THR A 191 14.86 23.19 19.94
C THR A 191 14.15 23.40 18.60
N VAL A 192 14.17 22.37 17.77
CA VAL A 192 13.59 22.44 16.44
C VAL A 192 12.37 21.54 16.42
N ASP A 193 11.27 22.06 15.86
CA ASP A 193 10.02 21.30 15.78
C ASP A 193 9.14 21.96 14.74
N PHE A 194 9.06 21.35 13.56
CA PHE A 194 8.20 21.87 12.51
C PHE A 194 7.52 20.77 11.67
N ASN A 195 6.46 21.14 10.97
CA ASN A 195 5.70 20.21 10.14
C ASN A 195 5.91 20.52 8.67
N VAL A 196 6.00 19.48 7.85
CA VAL A 196 6.21 19.65 6.42
CA VAL A 196 6.20 19.66 6.42
C VAL A 196 5.47 18.58 5.63
N PRO A 197 4.72 18.99 4.60
CA PRO A 197 4.08 18.01 3.72
C PRO A 197 5.15 17.32 2.88
N TYR A 198 4.93 16.05 2.58
CA TYR A 198 5.92 15.27 1.86
C TYR A 198 5.23 14.35 0.89
N ALA A 199 5.61 14.46 -0.38
CA ALA A 199 5.03 13.63 -1.43
C ALA A 199 5.79 12.32 -1.46
N THR A 200 5.22 11.28 -0.87
CA THR A 200 5.95 10.02 -0.76
C THR A 200 6.25 9.39 -2.13
N ALA A 201 5.43 9.71 -3.13
CA ALA A 201 5.63 9.14 -4.48
C ALA A 201 6.97 9.54 -5.08
N LYS A 202 7.55 10.64 -4.59
CA LYS A 202 8.88 11.03 -5.06
C LYS A 202 9.90 9.92 -4.78
N ASP A 203 9.66 9.15 -3.73
CA ASP A 203 10.63 8.18 -3.24
C ASP A 203 10.21 6.74 -3.43
N SER A 204 8.90 6.51 -3.38
CA SER A 204 8.38 5.15 -3.21
C SER A 204 7.04 5.00 -3.93
N TRP A 205 6.96 4.15 -4.96
CA TRP A 205 5.70 4.00 -5.66
C TRP A 205 4.64 3.41 -4.73
N VAL A 206 5.04 2.48 -3.87
CA VAL A 206 4.12 1.86 -2.92
C VAL A 206 3.51 2.88 -1.96
N ALA A 207 4.36 3.70 -1.34
CA ALA A 207 3.84 4.71 -0.42
C ALA A 207 2.97 5.69 -1.19
N GLY A 208 3.45 6.11 -2.36
CA GLY A 208 2.72 7.08 -3.16
C GLY A 208 1.33 6.62 -3.55
N ASN A 209 1.19 5.30 -3.74
CA ASN A 209 -0.06 4.70 -4.19
C ASN A 209 -0.90 4.25 -3.00
N THR A 210 -0.39 4.47 -1.79
CA THR A 210 -1.11 4.08 -0.58
C THR A 210 -1.50 5.31 0.26
N VAL A 211 -0.49 6.00 0.77
CA VAL A 211 -0.70 7.19 1.58
C VAL A 211 -0.51 8.50 0.81
N GLY A 212 0.24 8.48 -0.28
CA GLY A 212 0.47 9.68 -1.07
C GLY A 212 1.19 10.77 -0.30
N GLU A 213 0.60 11.96 -0.28
CA GLU A 213 1.18 13.06 0.50
C GLU A 213 0.86 12.89 1.98
N ILE A 214 1.89 12.95 2.82
CA ILE A 214 1.69 12.86 4.26
C ILE A 214 2.30 14.10 4.88
N THR A 215 2.08 14.29 6.18
CA THR A 215 2.73 15.40 6.88
C THR A 215 3.81 14.82 7.78
N LEU A 216 5.03 15.29 7.59
CA LEU A 216 6.13 14.88 8.44
C LEU A 216 6.29 15.88 9.59
N ARG A 217 6.92 15.41 10.65
CA ARG A 217 7.32 16.27 11.76
C ARG A 217 8.82 16.11 11.98
N ILE A 218 9.53 17.23 11.94
CA ILE A 218 10.98 17.23 12.16
C ILE A 218 11.25 17.82 13.53
N VAL A 219 11.82 17.00 14.40
N VAL A 219 11.81 17.00 14.40
CA VAL A 219 12.05 17.43 15.79
CA VAL A 219 12.04 17.39 15.79
C VAL A 219 13.44 17.05 16.27
C VAL A 219 13.46 17.05 16.23
N GLY A 220 14.11 17.98 16.92
CA GLY A 220 15.45 17.73 17.41
C GLY A 220 16.12 18.94 17.97
N ILE A 221 17.44 18.87 18.05
CA ILE A 221 18.23 19.95 18.64
C ILE A 221 19.21 20.46 17.60
N LEU A 222 19.16 21.77 17.36
CA LEU A 222 20.10 22.41 16.48
C LEU A 222 21.17 23.13 17.30
N VAL A 223 22.43 23.00 16.91
CA VAL A 223 23.48 23.82 17.50
C VAL A 223 24.13 24.67 16.42
N LYS A 224 24.14 25.98 16.60
CA LYS A 224 24.92 26.87 15.74
C LYS A 224 26.10 27.42 16.52
N SER A 225 27.31 27.14 16.02
N SER A 225 27.30 27.14 16.00
CA SER A 225 28.53 27.56 16.70
CA SER A 225 28.54 27.54 16.67
C SER A 225 29.07 28.87 16.15
C SER A 225 29.04 28.89 16.16
N THR A 226 29.83 29.56 16.98
CA THR A 226 30.38 30.86 16.59
C THR A 226 31.42 30.74 15.48
N SER A 227 31.91 29.52 15.25
CA SER A 227 32.85 29.26 14.17
C SER A 227 32.13 29.21 12.82
N GLY A 228 30.82 29.12 12.85
CA GLY A 228 30.02 28.96 11.65
C GLY A 228 29.57 27.52 11.42
N GLN A 229 30.13 26.58 12.18
CA GLN A 229 29.70 25.19 12.11
C GLN A 229 28.30 25.06 12.69
N TRP A 230 27.54 24.11 12.18
CA TRP A 230 26.25 23.80 12.75
C TRP A 230 26.01 22.30 12.70
N SER A 231 25.17 21.80 13.60
CA SER A 231 24.80 20.40 13.56
C SER A 231 23.36 20.27 14.02
N PHE A 232 22.68 19.27 13.48
CA PHE A 232 21.32 18.98 13.90
C PHE A 232 21.15 17.50 14.17
N ARG A 233 20.65 17.18 15.35
CA ARG A 233 20.37 15.81 15.73
CA ARG A 233 20.36 15.81 15.72
C ARG A 233 18.92 15.68 16.16
N GLY A 234 18.18 14.78 15.53
CA GLY A 234 16.79 14.61 15.89
C GLY A 234 16.19 13.48 15.11
N GLU A 235 14.92 13.64 14.76
CA GLU A 235 14.24 12.58 14.03
C GLU A 235 13.09 13.11 13.22
N ILE A 236 12.65 12.29 12.27
CA ILE A 236 11.48 12.56 11.46
C ILE A 236 10.39 11.61 11.91
N ARG A 237 9.21 12.16 12.23
CA ARG A 237 8.04 11.35 12.48
CA ARG A 237 8.03 11.36 12.49
C ARG A 237 6.95 11.74 11.49
N ALA A 238 5.80 11.07 11.56
CA ALA A 238 4.73 11.34 10.61
C ALA A 238 3.38 11.29 11.30
N TYR A 239 2.51 12.20 10.91
CA TYR A 239 1.14 12.22 11.42
C TYR A 239 0.27 11.17 10.73
N ASP A 240 -0.77 10.74 11.44
CA ASP A 240 -1.75 9.83 10.84
C ASP A 240 -2.29 10.44 9.56
N ASP A 241 -2.62 9.58 8.61
CA ASP A 241 -3.09 10.03 7.32
C ASP A 241 -4.37 9.30 6.94
N LEU A 242 -5.41 10.04 6.60
CA LEU A 242 -6.71 9.43 6.29
C LEU A 242 -6.72 8.73 4.94
N TYR A 243 -7.07 7.44 4.93
CA TYR A 243 -7.25 6.75 3.66
C TYR A 243 -8.69 6.94 3.20
N ASP A 244 -8.88 7.70 2.12
CA ASP A 244 -10.21 7.94 1.59
C ASP A 244 -10.26 7.69 0.09
N PHE A 245 -9.33 6.85 -0.39
CA PHE A 245 -9.22 6.53 -1.81
C PHE A 245 -9.06 7.79 -2.65
N ASN A 246 -8.15 8.65 -2.22
CA ASN A 246 -7.84 9.92 -2.87
C ASN A 246 -7.33 9.70 -4.29
N PRO A 247 -8.01 10.28 -5.28
CA PRO A 247 -7.61 10.09 -6.68
C PRO A 247 -6.22 10.68 -6.98
N SER A 248 -5.76 11.59 -6.12
N SER A 248 -5.76 11.58 -6.12
CA SER A 248 -4.42 12.16 -6.28
CA SER A 248 -4.43 12.16 -6.31
C SER A 248 -3.36 11.07 -6.24
C SER A 248 -3.35 11.08 -6.21
N ASN A 249 -3.69 9.96 -5.57
CA ASN A 249 -2.73 8.87 -5.37
C ASN A 249 -2.74 7.79 -6.44
N HIS A 250 -3.67 7.88 -7.40
CA HIS A 250 -3.77 6.87 -8.45
C HIS A 250 -2.59 6.94 -9.41
N ARG A 251 -2.08 5.77 -9.79
CA ARG A 251 -1.08 5.72 -10.85
C ARG A 251 -1.75 6.13 -12.17
N THR A 252 -1.02 6.83 -13.02
CA THR A 252 -1.63 7.50 -14.16
CA THR A 252 -1.57 7.50 -14.20
C THR A 252 -2.31 6.56 -15.15
N GLU A 253 -1.69 5.45 -15.47
CA GLU A 253 -2.22 4.56 -16.52
C GLU A 253 -3.67 4.12 -16.31
N THR A 254 -4.03 3.81 -15.07
CA THR A 254 -5.36 3.30 -14.78
C THR A 254 -6.19 4.26 -13.92
N ALA A 255 -5.73 5.51 -13.81
CA ALA A 255 -6.36 6.46 -12.90
C ALA A 255 -7.84 6.70 -13.22
N GLU A 256 -8.19 6.78 -14.50
CA GLU A 256 -9.59 7.00 -14.84
C GLU A 256 -10.45 5.83 -14.37
N GLY A 257 -9.95 4.62 -14.61
CA GLY A 257 -10.67 3.42 -14.21
C GLY A 257 -10.83 3.33 -12.71
N MSE A 258 -9.76 3.62 -11.98
CA MSE A 258 -9.80 3.54 -10.53
C MSE A 258 -10.71 4.60 -9.93
O MSE A 258 -11.41 4.34 -8.96
CB MSE A 258 -8.38 3.65 -9.93
CG MSE A 258 -7.45 2.48 -10.29
SE MSE A 258 -8.15 0.77 -9.65
CE MSE A 258 -7.86 1.05 -7.74
N THR A 259 -10.73 5.79 -10.53
CA THR A 259 -11.65 6.85 -10.09
C THR A 259 -13.10 6.39 -10.26
N ARG A 260 -13.41 5.76 -11.38
CA ARG A 260 -14.75 5.26 -11.62
C ARG A 260 -15.08 4.16 -10.62
N LEU A 261 -14.15 3.23 -10.43
CA LEU A 261 -14.33 2.17 -9.44
C LEU A 261 -14.65 2.75 -8.06
N GLY A 262 -13.89 3.77 -7.66
CA GLY A 262 -14.09 4.38 -6.36
C GLY A 262 -15.47 4.97 -6.18
N ARG A 263 -16.04 5.45 -7.27
CA ARG A 263 -17.37 6.07 -7.23
C ARG A 263 -18.49 5.04 -7.22
N GLU A 264 -18.18 3.81 -7.60
CA GLU A 264 -19.20 2.78 -7.73
C GLU A 264 -19.11 1.67 -6.69
N VAL A 265 -17.92 1.47 -6.14
CA VAL A 265 -17.69 0.28 -5.32
C VAL A 265 -18.59 0.20 -4.09
N GLY A 266 -18.96 1.34 -3.54
CA GLY A 266 -19.81 1.39 -2.36
C GLY A 266 -21.22 0.88 -2.61
N GLN A 267 -21.63 0.82 -3.86
CA GLN A 267 -22.93 0.25 -4.21
C GLN A 267 -23.00 -1.20 -3.78
N LYS A 268 -21.85 -1.87 -3.86
CA LYS A 268 -21.80 -3.32 -3.64
CA LYS A 268 -21.79 -3.32 -3.65
C LYS A 268 -21.08 -3.69 -2.35
N PHE A 269 -20.10 -2.90 -1.98
CA PHE A 269 -19.41 -3.08 -0.72
C PHE A 269 -19.95 -2.02 0.22
N LYS A 270 -21.11 -2.32 0.82
CA LYS A 270 -21.89 -1.33 1.54
C LYS A 270 -21.24 -0.82 2.82
N ASP A 271 -20.17 -1.47 3.26
CA ASP A 271 -19.47 -1.02 4.46
C ASP A 271 -18.26 -0.14 4.17
N THR A 272 -18.03 0.16 2.89
CA THR A 272 -16.89 0.99 2.50
C THR A 272 -16.85 2.29 3.27
N THR A 273 -15.70 2.61 3.85
CA THR A 273 -15.56 3.86 4.59
C THR A 273 -14.08 4.20 4.80
N PRO A 274 -13.76 5.50 4.82
CA PRO A 274 -12.36 5.89 5.06
C PRO A 274 -11.87 5.37 6.40
N TYR A 275 -10.56 5.24 6.54
CA TYR A 275 -9.99 4.83 7.82
C TYR A 275 -8.62 5.49 7.97
N PRO A 276 -8.18 5.69 9.23
CA PRO A 276 -6.89 6.30 9.52
C PRO A 276 -5.74 5.34 9.28
N ILE A 277 -4.66 5.85 8.67
CA ILE A 277 -3.43 5.08 8.59
C ILE A 277 -2.43 5.75 9.52
N GLY A 278 -2.11 5.08 10.62
CA GLY A 278 -1.04 5.55 11.48
C GLY A 278 0.28 5.27 10.79
N ILE A 279 1.24 6.17 10.99
CA ILE A 279 2.56 6.01 10.39
C ILE A 279 3.57 6.12 11.53
N PRO A 280 3.63 5.08 12.36
CA PRO A 280 4.38 5.13 13.61
C PRO A 280 5.89 5.02 13.42
N GLY A 281 6.64 5.54 14.38
CA GLY A 281 8.08 5.36 14.40
C GLY A 281 8.82 6.61 14.00
N ALA A 282 10.14 6.53 14.00
CA ALA A 282 10.95 7.68 13.67
C ALA A 282 12.09 7.31 12.73
N ILE A 283 12.44 8.25 11.85
CA ILE A 283 13.64 8.12 11.04
C ILE A 283 14.68 9.03 11.65
N PRO A 284 15.82 8.45 12.09
CA PRO A 284 16.89 9.25 12.73
C PRO A 284 17.47 10.30 11.79
N VAL A 285 17.80 11.47 12.34
CA VAL A 285 18.47 12.51 11.57
C VAL A 285 19.72 12.97 12.30
N ASN A 286 20.85 12.91 11.59
CA ASN A 286 22.12 13.37 12.11
CA ASN A 286 22.13 13.36 12.11
C ASN A 286 22.89 14.06 10.99
N ILE A 287 22.78 15.38 10.95
CA ILE A 287 23.36 16.16 9.87
C ILE A 287 24.18 17.33 10.39
N SER A 288 25.02 17.88 9.53
CA SER A 288 25.89 18.97 9.95
C SER A 288 26.37 19.74 8.75
N GLY A 289 26.87 20.95 8.99
CA GLY A 289 27.41 21.76 7.93
C GLY A 289 28.06 23.00 8.48
N ARG A 290 28.19 24.02 7.65
CA ARG A 290 28.70 25.29 8.12
C ARG A 290 28.22 26.44 7.25
N SER A 291 28.33 27.66 7.76
CA SER A 291 27.86 28.83 7.03
C SER A 291 28.70 29.06 5.78
N HIS A 292 28.09 29.71 4.80
N HIS A 292 28.10 29.72 4.80
CA HIS A 292 28.80 30.05 3.56
CA HIS A 292 28.80 30.05 3.56
C HIS A 292 29.64 31.31 3.72
C HIS A 292 29.65 31.30 3.72
N HIS A 293 29.55 31.94 4.89
CA HIS A 293 30.32 33.15 5.16
C HIS A 293 31.04 33.10 6.51
MG MG B . -2.19 11.35 1.84
C1 EDO C . 3.72 13.49 14.84
O1 EDO C . 3.62 14.15 16.11
C2 EDO C . 3.59 11.98 15.08
O2 EDO C . 4.59 11.60 16.03
C1 EDO D . -5.47 5.95 -4.65
O1 EDO D . -6.16 5.97 -3.39
C2 EDO D . -4.28 5.01 -4.56
O2 EDO D . -4.73 3.67 -4.34
C1 EDO E . 11.79 -6.31 9.82
O1 EDO E . 10.72 -6.96 9.14
C2 EDO E . 12.73 -5.71 8.80
O2 EDO E . 13.00 -6.73 7.83
C1 EDO F . 0.91 7.92 -8.07
O1 EDO F . 0.84 7.35 -6.76
C2 EDO F . 0.47 9.38 -8.04
O2 EDO F . 1.44 10.15 -7.31
C1 EDO G . 7.90 16.42 -1.75
O1 EDO G . 6.74 16.76 -0.99
C2 EDO G . 8.58 15.20 -1.12
O2 EDO G . 9.96 15.20 -1.49
C1 EDO H . 8.73 -3.35 -8.79
O1 EDO H . 8.52 -1.96 -9.10
C2 EDO H . 7.45 -4.12 -9.09
O2 EDO H . 7.11 -3.97 -10.48
C1 EDO I . 2.08 -18.11 -17.48
O1 EDO I . 2.02 -19.36 -16.78
C2 EDO I . 1.77 -16.98 -16.52
O2 EDO I . 1.71 -15.73 -17.19
C1 EDO J . 8.14 1.48 15.27
O1 EDO J . 9.41 2.14 15.24
C2 EDO J . 7.26 2.08 14.19
O2 EDO J . 7.98 2.11 12.95
C1 EDO K . 13.12 17.05 1.20
O1 EDO K . 13.28 15.73 0.67
C2 EDO K . 12.50 17.95 0.14
O2 EDO K . 11.10 17.69 0.05
C1 EDO L . -6.28 11.07 10.76
O1 EDO L . -6.24 11.91 11.92
C2 EDO L . -7.34 11.59 9.80
O2 EDO L . -8.63 11.06 10.14
C1 EDO M . -16.17 -18.45 -10.64
O1 EDO M . -15.69 -17.54 -9.64
C2 EDO M . -15.68 -18.01 -12.02
O2 EDO M . -15.80 -16.58 -12.13
C1 EDO N . -4.65 -24.69 -1.83
O1 EDO N . -5.90 -25.38 -1.89
C2 EDO N . -4.49 -23.85 -3.10
O2 EDO N . -5.50 -22.84 -3.16
#